data_3QBQ
#
_entry.id   3QBQ
#
_cell.length_a   120.860
_cell.length_b   120.860
_cell.length_c   93.425
_cell.angle_alpha   90.00
_cell.angle_beta   90.00
_cell.angle_gamma   120.00
#
_symmetry.space_group_name_H-M   'P 3'
#
loop_
_entity.id
_entity.type
_entity.pdbx_description
1 polymer 'Tumor necrosis factor ligand superfamily member 11'
2 polymer 'Tumor necrosis factor receptor superfamily member 11A'
3 water water
#
loop_
_entity_poly.entity_id
_entity_poly.type
_entity_poly.pdbx_seq_one_letter_code
_entity_poly.pdbx_strand_id
1 'polypeptide(L)'
;GKPEAQPFAHLTINAASIPSGSHKVTLSSWYHDRGWAKISNMTLSNGKLRVNQDGFYYLYANICFRHHETSGSVPTDYLQ
LMVYVVKTSIKIPSSHNLMKGGSTKNWSGNSEFHFYSINVGGFFKLRAGEEISIQVSNPSLLDPDQDATYFGAFKVQDID
;
A,C
2 'polypeptide(L)'
;TPPCTQERHYEHLGRCCSRCEPGKYLSSKCTPTSDSVCLPCGPDEYLDTWNEEDKCLLHKVCDAGKALVAVDPGNHTAPR
RCACTAGYHWNSDCECCRRNTECAPGFGAQHPLQLNKDTVCTPCLLGFFSDVFSSTDKCKPWTNCTLLGKLEAHQGTTES
DVVCSSSMTL
;
B,D
#
# COMPACT_ATOMS: atom_id res chain seq x y z
N ALA A 5 10.98 -9.02 -57.93
CA ALA A 5 12.31 -9.32 -58.54
C ALA A 5 13.15 -10.24 -57.64
N GLN A 6 14.24 -9.68 -57.13
CA GLN A 6 15.15 -10.42 -56.29
C GLN A 6 14.52 -10.86 -54.97
N PRO A 7 15.09 -11.92 -54.37
CA PRO A 7 14.60 -12.44 -53.09
C PRO A 7 15.02 -11.48 -51.96
N PHE A 8 14.29 -11.49 -50.86
CA PHE A 8 14.65 -10.67 -49.73
C PHE A 8 13.86 -11.10 -48.51
N ALA A 9 14.23 -10.55 -47.36
CA ALA A 9 13.58 -10.85 -46.11
C ALA A 9 14.03 -9.90 -45.02
N HIS A 10 13.08 -9.47 -44.21
CA HIS A 10 13.33 -8.63 -43.06
C HIS A 10 12.43 -9.28 -42.03
N LEU A 11 13.04 -10.07 -41.15
CA LEU A 11 12.30 -10.77 -40.12
C LEU A 11 12.43 -10.10 -38.76
N THR A 12 11.31 -9.84 -38.11
CA THR A 12 11.32 -9.22 -36.79
C THR A 12 10.94 -10.29 -35.79
N ILE A 13 11.54 -10.21 -34.59
CA ILE A 13 11.31 -11.19 -33.53
C ILE A 13 9.86 -11.39 -33.16
N ASN A 14 9.47 -12.64 -33.00
CA ASN A 14 8.10 -12.96 -32.60
C ASN A 14 8.05 -12.72 -31.09
N ALA A 15 7.65 -11.51 -30.73
CA ALA A 15 7.55 -11.07 -29.36
C ALA A 15 6.87 -12.05 -28.40
N ALA A 16 6.06 -12.96 -28.93
CA ALA A 16 5.34 -13.89 -28.08
C ALA A 16 5.99 -15.26 -27.91
N SER A 17 7.11 -15.50 -28.60
CA SER A 17 7.74 -16.80 -28.49
C SER A 17 9.25 -16.79 -28.27
N ILE A 18 9.73 -15.88 -27.45
CA ILE A 18 11.15 -15.83 -27.16
C ILE A 18 11.43 -16.79 -26.01
N PRO A 19 12.41 -17.69 -26.16
CA PRO A 19 12.79 -18.67 -25.13
C PRO A 19 13.18 -17.93 -23.85
N SER A 20 13.02 -18.56 -22.69
CA SER A 20 13.34 -17.86 -21.43
C SER A 20 14.68 -18.13 -20.74
N GLY A 21 15.48 -19.06 -21.25
CA GLY A 21 16.75 -19.34 -20.58
C GLY A 21 17.84 -18.26 -20.55
N SER A 22 19.06 -18.69 -20.18
CA SER A 22 20.24 -17.82 -20.13
C SER A 22 21.31 -18.44 -21.00
N HIS A 23 20.99 -19.61 -21.53
CA HIS A 23 21.91 -20.33 -22.40
C HIS A 23 21.70 -19.97 -23.86
N LYS A 24 22.77 -20.06 -24.63
CA LYS A 24 22.72 -19.76 -26.04
C LYS A 24 21.67 -20.62 -26.73
N VAL A 25 20.86 -19.99 -27.57
CA VAL A 25 19.82 -20.71 -28.31
C VAL A 25 19.69 -20.17 -29.73
N THR A 26 19.13 -21.00 -30.61
CA THR A 26 18.87 -20.57 -31.97
C THR A 26 17.47 -19.96 -31.86
N LEU A 27 17.28 -18.74 -32.31
CA LEU A 27 15.94 -18.17 -32.21
C LEU A 27 15.04 -18.90 -33.20
N SER A 28 13.89 -19.39 -32.75
CA SER A 28 13.04 -20.13 -33.66
C SER A 28 11.68 -19.55 -34.03
N SER A 29 11.46 -18.26 -33.80
CA SER A 29 10.19 -17.66 -34.16
C SER A 29 10.33 -16.20 -34.53
N TRP A 30 10.07 -15.89 -35.79
CA TRP A 30 10.13 -14.53 -36.26
C TRP A 30 8.86 -14.26 -37.03
N TYR A 31 8.50 -13.00 -37.15
CA TYR A 31 7.33 -12.60 -37.94
C TYR A 31 7.89 -12.47 -39.36
N HIS A 32 7.05 -12.70 -40.36
CA HIS A 32 7.49 -12.56 -41.74
C HIS A 32 6.41 -11.82 -42.53
N ASP A 33 5.29 -11.54 -41.86
CA ASP A 33 4.18 -10.88 -42.53
C ASP A 33 3.42 -9.81 -41.74
N ARG A 34 4.08 -9.09 -40.86
CA ARG A 34 3.38 -8.04 -40.13
C ARG A 34 4.32 -6.92 -39.73
N GLY A 35 3.79 -5.71 -39.70
CA GLY A 35 4.61 -4.57 -39.37
C GLY A 35 5.67 -4.38 -40.44
N TRP A 36 6.94 -4.37 -40.03
CA TRP A 36 8.03 -4.20 -40.98
C TRP A 36 8.51 -5.57 -41.45
N ALA A 37 7.95 -6.64 -40.89
CA ALA A 37 8.36 -7.98 -41.30
C ALA A 37 7.79 -8.36 -42.67
N LYS A 38 8.67 -8.84 -43.54
CA LYS A 38 8.29 -9.19 -44.90
C LYS A 38 9.26 -10.21 -45.48
N ILE A 39 8.77 -11.04 -46.40
CA ILE A 39 9.62 -12.03 -47.04
C ILE A 39 9.23 -12.21 -48.51
N SER A 40 10.19 -12.52 -49.37
CA SER A 40 9.92 -12.69 -50.80
C SER A 40 10.89 -13.65 -51.47
N ASN A 41 10.34 -14.74 -51.99
CA ASN A 41 11.11 -15.77 -52.67
C ASN A 41 12.17 -16.36 -51.74
N MET A 42 11.81 -16.45 -50.47
CA MET A 42 12.66 -17.00 -49.42
C MET A 42 11.70 -17.71 -48.47
N THR A 43 12.17 -18.77 -47.83
CA THR A 43 11.33 -19.53 -46.94
C THR A 43 11.74 -19.49 -45.48
N LEU A 44 10.76 -19.27 -44.60
CA LEU A 44 11.00 -19.22 -43.17
C LEU A 44 10.25 -20.35 -42.48
N SER A 45 10.99 -21.30 -41.92
CA SER A 45 10.36 -22.40 -41.23
C SER A 45 10.30 -22.14 -39.73
N ASN A 46 11.38 -22.44 -39.01
CA ASN A 46 11.39 -22.20 -37.57
C ASN A 46 12.68 -21.51 -37.22
N GLY A 47 12.74 -20.21 -37.50
CA GLY A 47 13.95 -19.45 -37.22
C GLY A 47 14.95 -19.68 -38.34
N LYS A 48 14.65 -20.61 -39.23
CA LYS A 48 15.53 -20.87 -40.35
C LYS A 48 15.02 -20.22 -41.64
N LEU A 49 15.84 -19.32 -42.17
CA LEU A 49 15.55 -18.59 -43.40
C LEU A 49 16.22 -19.35 -44.51
N ARG A 50 15.41 -20.02 -45.32
CA ARG A 50 15.91 -20.82 -46.43
C ARG A 50 16.06 -20.02 -47.71
N VAL A 51 17.23 -20.13 -48.34
CA VAL A 51 17.48 -19.45 -49.60
C VAL A 51 16.83 -20.31 -50.70
N ASN A 52 15.96 -19.70 -51.50
CA ASN A 52 15.28 -20.41 -52.58
C ASN A 52 15.90 -20.16 -53.94
N GLN A 53 16.95 -19.36 -54.00
CA GLN A 53 17.57 -19.01 -55.27
C GLN A 53 19.01 -18.54 -55.15
N ASP A 54 19.92 -19.35 -55.68
CA ASP A 54 21.35 -19.06 -55.67
C ASP A 54 21.64 -17.59 -55.89
N GLY A 55 22.77 -17.13 -55.35
CA GLY A 55 23.14 -15.73 -55.51
C GLY A 55 23.98 -15.22 -54.34
N PHE A 56 24.38 -13.96 -54.44
CA PHE A 56 25.15 -13.27 -53.42
C PHE A 56 24.16 -12.36 -52.72
N TYR A 57 23.99 -12.56 -51.40
CA TYR A 57 23.07 -11.75 -50.61
C TYR A 57 23.83 -10.95 -49.53
N TYR A 58 23.23 -9.83 -49.13
CA TYR A 58 23.79 -9.07 -48.03
C TYR A 58 22.94 -9.54 -46.86
N LEU A 59 23.57 -10.06 -45.81
CA LEU A 59 22.86 -10.54 -44.63
C LEU A 59 23.13 -9.58 -43.48
N TYR A 60 22.11 -9.31 -42.67
CA TYR A 60 22.26 -8.41 -41.53
C TYR A 60 21.38 -8.82 -40.34
N ALA A 61 21.72 -8.29 -39.17
CA ALA A 61 20.97 -8.55 -37.94
C ALA A 61 21.20 -7.45 -36.91
N ASN A 62 20.13 -7.09 -36.21
CA ASN A 62 20.19 -6.10 -35.16
C ASN A 62 19.58 -6.83 -33.97
N ILE A 63 20.31 -6.87 -32.86
CA ILE A 63 19.85 -7.53 -31.66
C ILE A 63 19.95 -6.58 -30.47
N CYS A 64 18.84 -6.46 -29.75
CA CYS A 64 18.77 -5.60 -28.59
C CYS A 64 18.52 -6.39 -27.32
N PHE A 65 19.37 -6.13 -26.32
CA PHE A 65 19.25 -6.78 -25.01
C PHE A 65 18.85 -5.70 -24.01
N ARG A 66 17.99 -6.08 -23.08
CA ARG A 66 17.49 -5.16 -22.09
C ARG A 66 17.13 -5.86 -20.78
N HIS A 67 17.27 -5.14 -19.68
CA HIS A 67 16.93 -5.68 -18.38
C HIS A 67 16.38 -4.56 -17.50
N HIS A 68 15.34 -4.89 -16.73
CA HIS A 68 14.74 -3.93 -15.83
C HIS A 68 14.67 -4.49 -14.39
N GLU A 69 14.95 -3.62 -13.43
CA GLU A 69 14.93 -3.92 -11.98
C GLU A 69 13.82 -4.88 -11.57
N THR A 70 12.58 -4.54 -11.96
CA THR A 70 11.41 -5.32 -11.62
C THR A 70 11.50 -6.77 -12.03
N SER A 71 12.46 -7.11 -12.87
CA SER A 71 12.61 -8.50 -13.30
C SER A 71 13.51 -9.28 -12.36
N GLY A 72 14.08 -8.57 -11.41
CA GLY A 72 14.96 -9.23 -10.46
C GLY A 72 16.38 -8.72 -10.56
N SER A 73 17.20 -9.16 -9.61
CA SER A 73 18.60 -8.76 -9.58
C SER A 73 19.36 -9.41 -10.71
N VAL A 74 20.42 -8.71 -11.12
CA VAL A 74 21.31 -9.20 -12.15
C VAL A 74 22.39 -9.89 -11.30
N PRO A 75 22.44 -11.23 -11.34
CA PRO A 75 23.45 -11.97 -10.55
C PRO A 75 24.87 -11.49 -10.83
N THR A 76 25.70 -11.43 -9.80
CA THR A 76 27.08 -11.02 -10.00
C THR A 76 27.86 -12.19 -10.56
N ASP A 77 27.93 -12.22 -11.88
CA ASP A 77 28.66 -13.26 -12.61
C ASP A 77 28.94 -12.86 -14.07
N TYR A 78 29.43 -13.82 -14.84
CA TYR A 78 29.80 -13.58 -16.23
C TYR A 78 28.67 -13.23 -17.19
N LEU A 79 28.75 -12.03 -17.77
CA LEU A 79 27.74 -11.56 -18.72
C LEU A 79 28.32 -11.21 -20.11
N GLN A 80 28.06 -12.06 -21.08
CA GLN A 80 28.53 -11.81 -22.45
C GLN A 80 27.34 -11.87 -23.39
N LEU A 81 26.85 -10.70 -23.82
CA LEU A 81 25.70 -10.61 -24.74
C LEU A 81 26.17 -10.75 -26.20
N MET A 82 25.87 -11.91 -26.78
CA MET A 82 26.32 -12.23 -28.13
C MET A 82 25.24 -12.60 -29.14
N VAL A 83 25.55 -12.39 -30.42
CA VAL A 83 24.68 -12.77 -31.52
C VAL A 83 25.59 -13.46 -32.51
N TYR A 84 25.14 -14.60 -33.03
CA TYR A 84 25.89 -15.32 -34.06
C TYR A 84 24.95 -15.55 -35.25
N VAL A 85 25.37 -15.15 -36.45
CA VAL A 85 24.58 -15.37 -37.67
C VAL A 85 25.14 -16.67 -38.27
N VAL A 86 24.31 -17.70 -38.25
CA VAL A 86 24.71 -19.02 -38.68
C VAL A 86 24.14 -19.57 -39.99
N LYS A 87 24.99 -20.29 -40.74
CA LYS A 87 24.56 -20.89 -42.00
C LYS A 87 24.53 -22.41 -41.92
N THR A 88 23.40 -22.96 -42.32
CA THR A 88 23.22 -24.41 -42.29
C THR A 88 22.60 -24.93 -43.59
N SER A 89 23.03 -26.11 -44.02
CA SER A 89 22.46 -26.73 -45.24
C SER A 89 21.24 -27.55 -44.80
N ILE A 90 20.10 -27.32 -45.46
CA ILE A 90 18.86 -28.03 -45.12
C ILE A 90 19.05 -29.56 -45.10
N LYS A 91 20.28 -30.02 -45.37
CA LYS A 91 20.63 -31.44 -45.36
C LYS A 91 22.13 -31.71 -45.13
N ILE A 92 22.76 -30.91 -44.25
CA ILE A 92 24.17 -31.07 -43.91
C ILE A 92 24.46 -30.60 -42.46
N PRO A 93 24.54 -31.55 -41.51
CA PRO A 93 24.78 -31.46 -40.06
C PRO A 93 25.06 -30.13 -39.35
N SER A 94 26.31 -29.95 -38.92
CA SER A 94 26.71 -28.76 -38.18
C SER A 94 26.69 -27.43 -38.91
N SER A 95 26.13 -26.43 -38.25
CA SER A 95 26.06 -25.09 -38.80
C SER A 95 27.41 -24.43 -38.64
N HIS A 96 27.63 -23.35 -39.38
CA HIS A 96 28.89 -22.63 -39.30
C HIS A 96 28.62 -21.14 -39.17
N ASN A 97 29.50 -20.46 -38.48
CA ASN A 97 29.33 -19.05 -38.27
C ASN A 97 29.75 -18.20 -39.45
N LEU A 98 28.86 -17.28 -39.80
CA LEU A 98 29.09 -16.34 -40.86
C LEU A 98 29.55 -15.02 -40.26
N MET A 99 28.80 -14.60 -39.24
CA MET A 99 29.07 -13.35 -38.54
C MET A 99 28.88 -13.46 -37.02
N LYS A 100 29.66 -12.67 -36.30
CA LYS A 100 29.62 -12.68 -34.84
C LYS A 100 29.71 -11.25 -34.32
N GLY A 101 28.95 -10.97 -33.27
CA GLY A 101 28.96 -9.65 -32.66
C GLY A 101 28.55 -9.75 -31.20
N GLY A 102 28.91 -8.73 -30.43
CA GLY A 102 28.55 -8.75 -29.03
C GLY A 102 29.52 -8.07 -28.09
N SER A 103 29.26 -8.23 -26.80
CA SER A 103 30.09 -7.57 -25.81
C SER A 103 29.91 -8.15 -24.42
N THR A 104 30.99 -8.17 -23.65
CA THR A 104 30.90 -8.64 -22.29
C THR A 104 30.38 -7.39 -21.61
N LYS A 105 29.48 -7.58 -20.65
CA LYS A 105 28.85 -6.46 -19.96
C LYS A 105 28.74 -6.72 -18.47
N ASN A 106 28.68 -5.64 -17.69
CA ASN A 106 28.50 -5.72 -16.26
C ASN A 106 27.26 -4.89 -16.02
N TRP A 107 26.18 -5.55 -15.64
CA TRP A 107 24.93 -4.87 -15.40
C TRP A 107 24.54 -5.00 -13.95
N SER A 108 25.53 -4.89 -13.06
CA SER A 108 25.28 -5.00 -11.62
C SER A 108 24.94 -3.67 -10.97
N GLY A 109 25.23 -2.56 -11.65
CA GLY A 109 24.92 -1.25 -11.12
C GLY A 109 23.54 -1.16 -10.47
N ASN A 110 23.24 -0.02 -9.85
CA ASN A 110 21.93 0.15 -9.21
C ASN A 110 20.92 0.91 -10.09
N SER A 111 21.26 1.06 -11.37
CA SER A 111 20.39 1.73 -12.33
C SER A 111 19.14 0.84 -12.53
N GLU A 112 18.00 1.45 -12.81
CA GLU A 112 16.73 0.70 -13.01
C GLU A 112 16.77 -0.12 -14.28
N PHE A 113 17.40 0.47 -15.29
CA PHE A 113 17.42 -0.12 -16.61
C PHE A 113 18.76 -0.33 -17.30
N HIS A 114 18.88 -1.45 -18.00
CA HIS A 114 20.10 -1.73 -18.77
C HIS A 114 19.70 -2.06 -20.22
N PHE A 115 20.48 -1.53 -21.15
CA PHE A 115 20.22 -1.70 -22.56
C PHE A 115 21.48 -1.80 -23.41
N TYR A 116 21.42 -2.68 -24.41
CA TYR A 116 22.54 -2.88 -25.31
C TYR A 116 22.12 -3.49 -26.65
N SER A 117 22.64 -2.96 -27.74
CA SER A 117 22.30 -3.50 -29.07
C SER A 117 23.53 -3.85 -29.87
N ILE A 118 23.41 -4.89 -30.72
CA ILE A 118 24.49 -5.33 -31.63
C ILE A 118 23.97 -5.37 -33.07
N ASN A 119 24.85 -5.11 -34.01
CA ASN A 119 24.50 -5.13 -35.43
C ASN A 119 25.61 -5.84 -36.18
N VAL A 120 25.25 -6.65 -37.16
CA VAL A 120 26.23 -7.34 -38.01
C VAL A 120 25.70 -7.37 -39.44
N GLY A 121 26.63 -7.29 -40.39
CA GLY A 121 26.25 -7.31 -41.79
C GLY A 121 27.40 -7.73 -42.67
N GLY A 122 27.10 -8.55 -43.68
CA GLY A 122 28.11 -9.03 -44.59
C GLY A 122 27.53 -9.52 -45.91
N PHE A 123 28.40 -9.62 -46.92
CA PHE A 123 28.07 -10.07 -48.28
C PHE A 123 28.39 -11.57 -48.41
N PHE A 124 27.39 -12.41 -48.66
CA PHE A 124 27.67 -13.84 -48.77
C PHE A 124 27.11 -14.57 -50.00
N LYS A 125 27.81 -15.63 -50.39
CA LYS A 125 27.45 -16.50 -51.53
C LYS A 125 26.52 -17.59 -51.00
N LEU A 126 25.25 -17.56 -51.39
CA LEU A 126 24.33 -18.59 -50.91
C LEU A 126 23.69 -19.44 -52.02
N ARG A 127 23.33 -20.68 -51.66
CA ARG A 127 22.73 -21.64 -52.59
C ARG A 127 21.32 -22.02 -52.12
N ALA A 128 20.41 -22.26 -53.07
CA ALA A 128 19.06 -22.66 -52.70
C ALA A 128 19.22 -23.87 -51.78
N GLY A 129 18.42 -23.94 -50.72
CA GLY A 129 18.54 -25.05 -49.79
C GLY A 129 19.37 -24.70 -48.56
N GLU A 130 20.23 -23.68 -48.67
CA GLU A 130 21.03 -23.27 -47.51
C GLU A 130 20.13 -22.42 -46.65
N GLU A 131 20.33 -22.48 -45.34
CA GLU A 131 19.52 -21.72 -44.39
C GLU A 131 20.33 -20.80 -43.50
N ILE A 132 19.76 -19.63 -43.21
CA ILE A 132 20.41 -18.65 -42.36
C ILE A 132 19.59 -18.57 -41.08
N SER A 133 20.26 -18.62 -39.94
CA SER A 133 19.56 -18.54 -38.64
C SER A 133 20.34 -17.70 -37.62
N ILE A 134 19.66 -17.30 -36.55
CA ILE A 134 20.23 -16.45 -35.52
C ILE A 134 20.36 -17.13 -34.15
N GLN A 135 21.53 -16.95 -33.55
CA GLN A 135 21.75 -17.48 -32.21
C GLN A 135 22.09 -16.31 -31.30
N VAL A 136 21.56 -16.34 -30.09
CA VAL A 136 21.87 -15.30 -29.10
C VAL A 136 22.14 -15.95 -27.75
N SER A 137 22.99 -15.31 -26.97
CA SER A 137 23.40 -15.81 -25.66
C SER A 137 22.36 -15.75 -24.54
N ASN A 138 21.71 -14.61 -24.36
CA ASN A 138 20.74 -14.51 -23.26
C ASN A 138 19.35 -14.19 -23.72
N PRO A 139 18.63 -15.19 -24.22
CA PRO A 139 17.27 -15.00 -24.71
C PRO A 139 16.30 -14.20 -23.83
N SER A 140 16.30 -14.44 -22.51
CA SER A 140 15.38 -13.71 -21.65
C SER A 140 15.70 -12.22 -21.60
N LEU A 141 16.86 -11.83 -22.14
CA LEU A 141 17.23 -10.41 -22.15
C LEU A 141 16.83 -9.71 -23.46
N LEU A 142 16.33 -10.48 -24.43
CA LEU A 142 15.92 -9.94 -25.72
C LEU A 142 14.78 -8.94 -25.72
N ASP A 143 14.98 -7.84 -26.44
CA ASP A 143 13.96 -6.82 -26.54
C ASP A 143 12.99 -7.30 -27.65
N PRO A 144 11.69 -7.44 -27.32
CA PRO A 144 10.66 -7.91 -28.24
C PRO A 144 10.19 -6.97 -29.36
N ASP A 145 10.64 -5.71 -29.32
CA ASP A 145 10.25 -4.70 -30.33
C ASP A 145 10.68 -5.00 -31.77
N GLN A 146 9.84 -4.63 -32.74
CA GLN A 146 10.16 -4.92 -34.13
C GLN A 146 11.30 -4.06 -34.67
N ASP A 147 11.49 -2.87 -34.10
CA ASP A 147 12.56 -1.98 -34.50
C ASP A 147 13.88 -2.32 -33.79
N ALA A 148 13.80 -3.23 -32.82
CA ALA A 148 14.97 -3.61 -32.03
C ALA A 148 15.66 -4.92 -32.38
N THR A 149 14.90 -5.99 -32.53
CA THR A 149 15.47 -7.31 -32.80
C THR A 149 14.95 -7.88 -34.11
N TYR A 150 15.86 -8.10 -35.05
CA TYR A 150 15.50 -8.58 -36.38
C TYR A 150 16.70 -8.97 -37.21
N PHE A 151 16.45 -9.67 -38.31
CA PHE A 151 17.50 -10.01 -39.25
C PHE A 151 16.90 -10.06 -40.64
N GLY A 152 17.75 -9.96 -41.65
CA GLY A 152 17.23 -9.95 -43.00
C GLY A 152 18.25 -10.31 -44.03
N ALA A 153 17.82 -10.20 -45.28
CA ALA A 153 18.69 -10.53 -46.39
C ALA A 153 18.07 -10.01 -47.67
N PHE A 154 18.93 -9.67 -48.61
CA PHE A 154 18.44 -9.26 -49.91
C PHE A 154 19.51 -9.62 -50.89
N LYS A 155 19.08 -10.14 -52.04
CA LYS A 155 19.99 -10.56 -53.09
C LYS A 155 20.47 -9.34 -53.83
N VAL A 156 21.77 -9.27 -54.10
CA VAL A 156 22.30 -8.13 -54.81
C VAL A 156 22.90 -8.56 -56.15
N GLN A 157 23.12 -9.84 -56.32
CA GLN A 157 23.77 -10.28 -57.54
C GLN A 157 23.65 -11.79 -57.75
N ASP A 158 23.59 -12.22 -59.01
CA ASP A 158 23.49 -13.64 -59.35
C ASP A 158 24.84 -14.32 -59.17
N ILE A 159 24.84 -15.65 -59.10
CA ILE A 159 26.10 -16.38 -58.96
C ILE A 159 26.84 -16.46 -60.32
N CYS B 4 -11.00 17.90 -53.66
CA CYS B 4 -12.06 17.26 -52.84
C CYS B 4 -11.52 16.93 -51.44
N THR B 5 -12.39 17.02 -50.42
CA THR B 5 -12.03 16.77 -49.02
C THR B 5 -11.07 15.60 -48.74
N GLN B 6 -10.57 15.55 -47.51
CA GLN B 6 -9.62 14.52 -47.08
C GLN B 6 -10.22 13.46 -46.15
N GLU B 7 -11.22 13.86 -45.37
CA GLU B 7 -11.88 12.97 -44.42
C GLU B 7 -12.41 11.70 -45.07
N ARG B 8 -11.90 11.39 -46.25
CA ARG B 8 -12.31 10.20 -46.98
C ARG B 8 -11.79 10.19 -48.41
N HIS B 9 -11.04 11.23 -48.80
CA HIS B 9 -10.54 11.28 -50.18
C HIS B 9 -9.08 11.69 -50.35
N TYR B 10 -8.52 11.29 -51.50
CA TYR B 10 -7.15 11.59 -51.88
C TYR B 10 -7.14 11.63 -53.41
N GLU B 11 -6.04 12.06 -54.01
CA GLU B 11 -5.97 12.16 -55.48
C GLU B 11 -4.92 11.25 -56.11
N HIS B 12 -5.33 10.49 -57.11
CA HIS B 12 -4.41 9.60 -57.81
C HIS B 12 -4.34 9.94 -59.30
N LEU B 13 -4.85 9.05 -60.16
CA LEU B 13 -4.83 9.28 -61.60
C LEU B 13 -5.82 10.35 -62.04
N GLY B 14 -5.61 11.57 -61.56
CA GLY B 14 -6.50 12.67 -61.89
C GLY B 14 -7.84 12.53 -61.21
N ARG B 15 -8.06 11.39 -60.57
CA ARG B 15 -9.32 11.10 -59.89
C ARG B 15 -9.33 11.40 -58.40
N CYS B 16 -10.50 11.79 -57.89
CA CYS B 16 -10.69 12.05 -56.48
C CYS B 16 -11.13 10.71 -55.86
N CYS B 17 -10.14 9.89 -55.49
CA CYS B 17 -10.36 8.56 -54.92
C CYS B 17 -10.67 8.53 -53.43
N SER B 18 -11.46 7.54 -53.00
CA SER B 18 -11.79 7.45 -51.59
C SER B 18 -10.68 6.82 -50.73
N ARG B 19 -10.44 7.49 -49.60
CA ARG B 19 -9.44 7.13 -48.60
C ARG B 19 -9.98 5.94 -47.76
N CYS B 20 -9.08 5.10 -47.22
CA CYS B 20 -9.51 3.96 -46.41
C CYS B 20 -9.86 4.32 -44.97
N GLU B 21 -10.88 3.67 -44.44
CA GLU B 21 -11.35 3.89 -43.08
C GLU B 21 -10.56 3.11 -42.02
N PRO B 22 -10.51 3.64 -40.78
CA PRO B 22 -9.78 2.94 -39.72
C PRO B 22 -10.25 1.49 -39.69
N GLY B 23 -9.30 0.57 -39.47
CA GLY B 23 -9.65 -0.85 -39.43
C GLY B 23 -9.20 -1.55 -40.69
N LYS B 24 -8.82 -0.77 -41.70
CA LYS B 24 -8.37 -1.37 -42.95
C LYS B 24 -7.41 -0.48 -43.73
N TYR B 25 -6.62 -1.14 -44.58
CA TYR B 25 -5.62 -0.48 -45.41
C TYR B 25 -5.96 -0.62 -46.89
N LEU B 26 -5.34 0.20 -47.74
CA LEU B 26 -5.62 0.07 -49.15
C LEU B 26 -4.78 -1.01 -49.78
N SER B 27 -5.46 -2.01 -50.31
CA SER B 27 -4.83 -3.13 -50.97
C SER B 27 -4.46 -2.71 -52.38
N SER B 28 -5.27 -1.84 -52.96
CA SER B 28 -5.06 -1.37 -54.33
C SER B 28 -5.49 0.08 -54.47
N LYS B 29 -4.64 0.88 -55.12
CA LYS B 29 -4.97 2.27 -55.35
C LYS B 29 -6.09 2.22 -56.40
N CYS B 30 -6.88 3.29 -56.49
CA CYS B 30 -7.96 3.34 -57.45
C CYS B 30 -7.42 3.34 -58.87
N THR B 31 -8.11 2.64 -59.76
CA THR B 31 -7.73 2.61 -61.17
C THR B 31 -8.66 3.62 -61.83
N PRO B 32 -8.57 3.79 -63.16
CA PRO B 32 -9.50 4.78 -63.72
C PRO B 32 -10.94 4.27 -63.76
N THR B 33 -11.08 2.95 -63.68
CA THR B 33 -12.38 2.28 -63.75
C THR B 33 -13.03 1.90 -62.41
N SER B 34 -12.21 1.73 -61.38
CA SER B 34 -12.72 1.37 -60.06
C SER B 34 -12.08 2.23 -58.98
N ASP B 35 -12.63 2.15 -57.77
CA ASP B 35 -12.09 2.93 -56.68
C ASP B 35 -11.11 2.12 -55.85
N SER B 36 -10.67 2.71 -54.74
CA SER B 36 -9.72 2.09 -53.82
C SER B 36 -10.26 0.79 -53.24
N VAL B 37 -9.40 -0.22 -53.17
CA VAL B 37 -9.78 -1.50 -52.58
C VAL B 37 -9.18 -1.54 -51.15
N CYS B 38 -10.03 -1.31 -50.14
CA CYS B 38 -9.60 -1.31 -48.74
C CYS B 38 -9.91 -2.62 -48.01
N LEU B 39 -8.86 -3.34 -47.61
CA LEU B 39 -9.00 -4.61 -46.89
C LEU B 39 -8.75 -4.40 -45.38
N PRO B 40 -9.42 -5.19 -44.53
CA PRO B 40 -9.29 -5.10 -43.07
C PRO B 40 -7.93 -5.50 -42.50
N CYS B 41 -7.53 -4.83 -41.41
CA CYS B 41 -6.27 -5.09 -40.73
C CYS B 41 -6.19 -6.51 -40.20
N GLY B 42 -5.01 -7.13 -40.34
CA GLY B 42 -4.81 -8.48 -39.86
C GLY B 42 -4.65 -8.56 -38.35
N PRO B 43 -4.37 -9.76 -37.81
CA PRO B 43 -4.19 -9.92 -36.37
C PRO B 43 -3.09 -9.04 -35.77
N ASP B 44 -3.41 -8.45 -34.62
CA ASP B 44 -2.51 -7.58 -33.86
C ASP B 44 -2.06 -6.33 -34.61
N GLU B 45 -2.86 -5.93 -35.60
CA GLU B 45 -2.57 -4.75 -36.40
C GLU B 45 -3.69 -3.75 -36.29
N TYR B 46 -3.42 -2.51 -36.70
CA TYR B 46 -4.43 -1.48 -36.63
C TYR B 46 -4.05 -0.26 -37.43
N LEU B 47 -5.06 0.53 -37.76
CA LEU B 47 -4.92 1.80 -38.45
C LEU B 47 -6.08 2.53 -37.80
N ASP B 48 -5.83 3.73 -37.28
CA ASP B 48 -6.85 4.46 -36.57
C ASP B 48 -7.31 5.74 -37.25
N THR B 49 -6.97 5.88 -38.53
CA THR B 49 -7.35 7.07 -39.28
C THR B 49 -7.70 6.70 -40.72
N TRP B 50 -8.37 7.60 -41.43
CA TRP B 50 -8.69 7.37 -42.84
C TRP B 50 -7.32 7.45 -43.49
N ASN B 51 -6.93 6.39 -44.20
CA ASN B 51 -5.58 6.31 -44.75
C ASN B 51 -5.35 5.88 -46.19
N GLU B 52 -4.08 5.82 -46.55
CA GLU B 52 -3.61 5.39 -47.85
C GLU B 52 -2.45 4.43 -47.61
N GLU B 53 -2.50 3.69 -46.51
CA GLU B 53 -1.42 2.77 -46.16
C GLU B 53 -1.54 1.43 -46.87
N ASP B 54 -0.41 0.85 -47.25
CA ASP B 54 -0.48 -0.43 -47.93
C ASP B 54 -0.32 -1.59 -46.95
N LYS B 55 -0.15 -1.25 -45.69
CA LYS B 55 -0.02 -2.24 -44.62
C LYS B 55 -0.52 -1.57 -43.36
N CYS B 56 -1.07 -2.36 -42.43
CA CYS B 56 -1.55 -1.82 -41.16
C CYS B 56 -0.38 -1.75 -40.18
N LEU B 57 -0.50 -0.83 -39.21
CA LEU B 57 0.50 -0.63 -38.17
C LEU B 57 0.44 -1.80 -37.17
N LEU B 58 1.61 -2.26 -36.72
CA LEU B 58 1.66 -3.36 -35.73
C LEU B 58 1.57 -2.77 -34.31
N HIS B 59 0.84 -3.44 -33.43
CA HIS B 59 0.66 -2.99 -32.03
C HIS B 59 1.93 -2.98 -31.19
N LYS B 60 2.04 -1.96 -30.32
CA LYS B 60 3.16 -1.82 -29.39
C LYS B 60 3.20 -3.06 -28.52
N VAL B 61 4.39 -3.51 -28.16
CA VAL B 61 4.50 -4.63 -27.26
C VAL B 61 4.63 -4.02 -25.87
N CYS B 62 3.78 -4.41 -24.93
CA CYS B 62 3.87 -3.88 -23.58
C CYS B 62 4.75 -4.89 -22.84
N ASP B 63 6.04 -4.83 -23.13
CA ASP B 63 7.07 -5.71 -22.58
C ASP B 63 7.12 -5.67 -21.03
N ALA B 64 6.91 -6.83 -20.40
CA ALA B 64 6.97 -6.90 -18.94
C ALA B 64 8.41 -6.58 -18.54
N GLY B 65 9.34 -7.07 -19.39
CA GLY B 65 10.76 -6.87 -19.21
C GLY B 65 11.22 -5.43 -19.17
N LYS B 66 10.32 -4.50 -19.46
CA LYS B 66 10.64 -3.08 -19.42
C LYS B 66 9.78 -2.44 -18.31
N ALA B 67 9.09 -3.30 -17.55
CA ALA B 67 8.19 -2.88 -16.46
C ALA B 67 6.99 -2.17 -17.06
N LEU B 68 6.59 -2.65 -18.23
CA LEU B 68 5.48 -2.05 -18.96
C LEU B 68 4.27 -2.99 -18.88
N VAL B 69 3.07 -2.41 -18.81
CA VAL B 69 1.87 -3.23 -18.80
C VAL B 69 0.78 -2.56 -19.64
N ALA B 70 -0.05 -3.39 -20.27
CA ALA B 70 -1.12 -2.90 -21.12
C ALA B 70 -2.26 -2.29 -20.31
N VAL B 71 -2.57 -1.04 -20.64
CA VAL B 71 -3.66 -0.31 -20.00
C VAL B 71 -4.87 -0.42 -20.92
N ASP B 72 -4.62 -0.40 -22.22
CA ASP B 72 -5.65 -0.55 -23.26
C ASP B 72 -5.09 -1.54 -24.28
N PRO B 73 -5.67 -2.75 -24.38
CA PRO B 73 -5.20 -3.77 -25.32
C PRO B 73 -5.16 -3.35 -26.78
N GLY B 74 -5.96 -2.35 -27.13
CA GLY B 74 -6.01 -1.88 -28.50
C GLY B 74 -6.73 -2.87 -29.40
N ASN B 75 -6.96 -2.47 -30.65
CA ASN B 75 -7.63 -3.32 -31.64
C ASN B 75 -7.38 -2.76 -33.02
N HIS B 76 -8.07 -3.31 -34.01
CA HIS B 76 -7.92 -2.90 -35.40
C HIS B 76 -8.15 -1.40 -35.64
N THR B 77 -8.79 -0.72 -34.70
CA THR B 77 -9.08 0.70 -34.82
C THR B 77 -8.28 1.58 -33.88
N ALA B 78 -7.91 1.03 -32.74
CA ALA B 78 -7.16 1.79 -31.74
C ALA B 78 -5.82 1.16 -31.35
N PRO B 79 -4.81 2.00 -31.13
CA PRO B 79 -3.49 1.50 -30.75
C PRO B 79 -3.47 0.98 -29.31
N ARG B 80 -2.60 -0.01 -29.06
CA ARG B 80 -2.43 -0.58 -27.74
C ARG B 80 -1.72 0.48 -26.90
N ARG B 81 -2.21 0.70 -25.68
CA ARG B 81 -1.62 1.70 -24.78
C ARG B 81 -0.89 1.01 -23.62
N CYS B 82 0.33 1.46 -23.31
CA CYS B 82 1.06 0.82 -22.21
C CYS B 82 1.40 1.80 -21.12
N ALA B 83 1.65 1.27 -19.94
CA ALA B 83 2.04 2.10 -18.79
C ALA B 83 3.13 1.39 -18.01
N CYS B 84 3.96 2.18 -17.35
CA CYS B 84 5.01 1.62 -16.51
C CYS B 84 4.29 1.15 -15.26
N THR B 85 4.70 0.02 -14.70
CA THR B 85 4.09 -0.49 -13.49
C THR B 85 4.47 0.37 -12.25
N ALA B 86 3.76 0.14 -11.14
CA ALA B 86 3.95 0.89 -9.88
C ALA B 86 5.38 1.23 -9.49
N GLY B 87 5.63 2.50 -9.18
CA GLY B 87 6.97 2.88 -8.80
C GLY B 87 7.81 3.44 -9.94
N TYR B 88 7.26 3.36 -11.15
CA TYR B 88 7.95 3.86 -12.30
C TYR B 88 7.04 4.69 -13.17
N HIS B 89 7.67 5.49 -14.01
CA HIS B 89 6.96 6.34 -14.93
C HIS B 89 7.76 6.34 -16.24
N TRP B 90 7.03 6.42 -17.34
CA TRP B 90 7.62 6.43 -18.67
C TRP B 90 8.46 7.68 -18.93
N ASN B 91 9.68 7.48 -19.43
CA ASN B 91 10.59 8.58 -19.75
C ASN B 91 10.85 8.58 -21.27
N SER B 92 10.39 9.62 -21.95
CA SER B 92 10.55 9.66 -23.41
C SER B 92 11.98 9.81 -23.95
N ASP B 93 12.91 10.29 -23.12
CA ASP B 93 14.31 10.42 -23.55
C ASP B 93 14.97 9.05 -23.68
N CYS B 94 14.69 8.17 -22.73
CA CYS B 94 15.25 6.82 -22.73
C CYS B 94 14.24 5.83 -23.30
N GLU B 95 13.01 6.28 -23.46
CA GLU B 95 11.92 5.42 -23.93
C GLU B 95 11.92 4.22 -23.00
N CYS B 96 12.03 4.52 -21.71
CA CYS B 96 12.05 3.48 -20.70
C CYS B 96 11.31 3.87 -19.42
N CYS B 97 11.04 2.87 -18.58
CA CYS B 97 10.36 3.08 -17.32
C CYS B 97 11.37 3.49 -16.24
N ARG B 98 11.41 4.79 -15.91
CA ARG B 98 12.33 5.29 -14.90
C ARG B 98 11.76 5.24 -13.49
N ARG B 99 12.62 4.95 -12.54
CA ARG B 99 12.24 4.89 -11.13
C ARG B 99 11.71 6.25 -10.73
N ASN B 100 10.58 6.27 -10.03
CA ASN B 100 10.02 7.55 -9.59
C ASN B 100 10.98 8.22 -8.61
N THR B 101 11.03 9.56 -8.65
CA THR B 101 11.93 10.27 -7.76
C THR B 101 11.41 10.34 -6.34
N GLU B 102 12.35 10.30 -5.40
CA GLU B 102 12.01 10.31 -3.98
C GLU B 102 11.90 11.69 -3.37
N CYS B 103 10.94 11.85 -2.49
CA CYS B 103 10.78 13.12 -1.81
C CYS B 103 11.67 13.01 -0.59
N ALA B 104 12.41 14.08 -0.32
CA ALA B 104 13.33 14.10 0.81
C ALA B 104 12.61 14.51 2.09
N PRO B 105 13.24 14.27 3.26
CA PRO B 105 12.63 14.65 4.53
C PRO B 105 12.18 16.10 4.46
N GLY B 106 10.97 16.38 4.93
CA GLY B 106 10.46 17.73 4.88
C GLY B 106 9.43 17.90 3.78
N PHE B 107 9.35 16.90 2.91
CA PHE B 107 8.41 16.93 1.79
C PHE B 107 7.72 15.59 1.68
N GLY B 108 6.59 15.57 0.97
CA GLY B 108 5.86 14.34 0.78
C GLY B 108 5.32 14.23 -0.62
N ALA B 109 4.97 13.01 -1.03
CA ALA B 109 4.42 12.79 -2.36
C ALA B 109 2.99 13.34 -2.44
N GLN B 110 2.73 14.14 -3.47
CA GLN B 110 1.40 14.69 -3.66
C GLN B 110 0.48 13.53 -4.06
N HIS B 111 -0.72 13.51 -3.49
CA HIS B 111 -1.70 12.46 -3.79
C HIS B 111 -2.95 13.03 -4.46
N PRO B 112 -3.67 12.18 -5.21
CA PRO B 112 -3.38 10.76 -5.46
C PRO B 112 -2.21 10.56 -6.42
N LEU B 113 -1.55 9.41 -6.31
CA LEU B 113 -0.42 9.07 -7.17
C LEU B 113 -0.86 8.69 -8.58
N GLN B 114 -0.41 9.48 -9.56
CA GLN B 114 -0.73 9.27 -10.97
C GLN B 114 -0.02 8.05 -11.56
N LEU B 115 -0.77 7.20 -12.26
CA LEU B 115 -0.18 6.03 -12.90
C LEU B 115 0.73 6.49 -14.04
N ASN B 116 1.89 5.87 -14.16
CA ASN B 116 2.85 6.17 -15.24
C ASN B 116 3.36 7.62 -15.27
N LYS B 117 3.25 8.32 -14.14
CA LYS B 117 3.73 9.69 -14.04
C LYS B 117 4.72 9.75 -12.87
N ASP B 118 5.64 10.71 -12.91
CA ASP B 118 6.61 10.82 -11.83
C ASP B 118 5.97 11.46 -10.62
N THR B 119 6.48 11.14 -9.44
CA THR B 119 5.91 11.71 -8.24
C THR B 119 6.41 13.14 -8.10
N VAL B 120 5.50 14.03 -7.75
CA VAL B 120 5.85 15.42 -7.55
C VAL B 120 5.86 15.65 -6.04
N CYS B 121 6.92 16.29 -5.55
CA CYS B 121 7.06 16.52 -4.13
C CYS B 121 6.61 17.92 -3.73
N THR B 122 6.13 18.02 -2.50
CA THR B 122 5.70 19.30 -1.95
C THR B 122 6.10 19.29 -0.48
N PRO B 123 6.49 20.45 0.07
CA PRO B 123 6.89 20.52 1.48
C PRO B 123 5.75 20.25 2.44
N CYS B 124 6.09 19.65 3.57
CA CYS B 124 5.10 19.33 4.61
C CYS B 124 4.63 20.63 5.23
N LEU B 125 3.33 20.77 5.44
CA LEU B 125 2.85 21.99 6.05
C LEU B 125 2.60 21.79 7.55
N LEU B 126 2.52 22.90 8.27
CA LEU B 126 2.33 22.90 9.73
C LEU B 126 1.46 21.78 10.27
N GLY B 127 2.04 20.99 11.19
CA GLY B 127 1.32 19.88 11.81
C GLY B 127 1.69 18.52 11.25
N PHE B 128 2.50 18.55 10.18
CA PHE B 128 2.94 17.33 9.51
C PHE B 128 4.44 17.28 9.33
N PHE B 129 4.93 16.07 9.11
CA PHE B 129 6.35 15.87 8.91
C PHE B 129 6.62 14.60 8.10
N SER B 130 7.86 14.51 7.61
CA SER B 130 8.34 13.35 6.88
C SER B 130 9.82 13.32 7.23
N ASP B 131 10.25 12.19 7.76
CA ASP B 131 11.63 12.01 8.21
C ASP B 131 12.27 10.91 7.38
N VAL B 132 11.83 10.77 6.14
CA VAL B 132 12.36 9.71 5.31
C VAL B 132 12.40 10.07 3.82
N PHE B 133 13.14 9.28 3.04
CA PHE B 133 13.20 9.49 1.59
C PHE B 133 12.26 8.45 1.01
N SER B 134 11.21 8.93 0.35
CA SER B 134 10.21 8.03 -0.22
C SER B 134 9.57 8.66 -1.45
N SER B 135 9.25 7.83 -2.43
CA SER B 135 8.60 8.31 -3.64
C SER B 135 7.09 8.05 -3.55
N THR B 136 6.66 7.43 -2.45
CA THR B 136 5.25 7.11 -2.26
C THR B 136 4.59 7.80 -1.08
N ASP B 137 5.29 7.85 0.05
CA ASP B 137 4.71 8.45 1.26
C ASP B 137 4.44 9.94 1.25
N LYS B 138 3.29 10.33 1.81
CA LYS B 138 2.99 11.75 1.94
C LYS B 138 3.34 12.09 3.38
N CYS B 139 3.35 13.36 3.72
CA CYS B 139 3.69 13.77 5.08
C CYS B 139 2.75 13.19 6.12
N LYS B 140 3.32 12.66 7.20
CA LYS B 140 2.51 12.08 8.27
C LYS B 140 2.18 13.20 9.25
N PRO B 141 1.01 13.12 9.92
CA PRO B 141 0.65 14.16 10.87
C PRO B 141 1.42 13.84 12.16
N TRP B 142 1.72 14.86 12.96
CA TRP B 142 2.44 14.61 14.22
C TRP B 142 1.68 13.67 15.12
N THR B 143 2.43 12.92 15.91
CA THR B 143 1.84 12.01 16.88
C THR B 143 1.06 12.82 17.93
N ASN B 144 -0.03 12.27 18.44
CA ASN B 144 -0.80 12.91 19.50
C ASN B 144 -0.35 12.16 20.74
N CYS B 145 0.41 12.85 21.58
CA CYS B 145 0.95 12.25 22.80
C CYS B 145 -0.07 11.63 23.75
N THR B 146 -1.27 12.20 23.83
CA THR B 146 -2.29 11.67 24.73
C THR B 146 -2.75 10.27 24.35
N LEU B 147 -2.57 9.88 23.08
CA LEU B 147 -2.97 8.54 22.66
C LEU B 147 -1.96 7.52 23.19
N LEU B 148 -0.81 8.03 23.60
CA LEU B 148 0.28 7.21 24.15
C LEU B 148 0.24 7.33 25.67
N GLY B 149 -0.70 8.12 26.15
CA GLY B 149 -0.85 8.34 27.58
C GLY B 149 0.24 9.26 28.07
N LYS B 150 0.73 10.15 27.19
CA LYS B 150 1.81 11.07 27.53
C LYS B 150 1.55 12.53 27.21
N LEU B 151 2.52 13.38 27.53
CA LEU B 151 2.42 14.81 27.23
C LEU B 151 3.46 15.13 26.18
N GLU B 152 3.27 16.24 25.50
CA GLU B 152 4.20 16.65 24.48
C GLU B 152 5.41 17.31 25.10
N ALA B 153 6.53 16.60 25.07
CA ALA B 153 7.78 17.13 25.60
C ALA B 153 8.36 18.11 24.59
N HIS B 154 8.40 17.70 23.32
CA HIS B 154 8.94 18.54 22.26
C HIS B 154 8.02 18.73 21.06
N GLN B 155 7.95 19.96 20.57
CA GLN B 155 7.15 20.29 19.40
C GLN B 155 7.80 19.56 18.22
N GLY B 156 7.02 19.33 17.17
CA GLY B 156 7.58 18.66 16.00
C GLY B 156 7.95 19.64 14.91
N THR B 157 8.59 19.14 13.86
CA THR B 157 8.97 19.99 12.74
C THR B 157 8.43 19.37 11.45
N THR B 158 8.95 19.78 10.32
CA THR B 158 8.49 19.21 9.05
C THR B 158 9.29 17.92 8.82
N GLU B 159 10.43 17.82 9.48
CA GLU B 159 11.33 16.68 9.35
C GLU B 159 11.29 15.68 10.48
N SER B 160 10.75 16.08 11.63
CA SER B 160 10.64 15.15 12.74
C SER B 160 9.32 15.25 13.49
N ASP B 161 8.95 14.13 14.08
CA ASP B 161 7.73 14.04 14.85
C ASP B 161 7.96 14.65 16.24
N VAL B 162 6.85 14.97 16.87
CA VAL B 162 6.80 15.51 18.22
C VAL B 162 7.49 14.49 19.16
N VAL B 163 7.95 14.94 20.33
CA VAL B 163 8.55 14.01 21.30
C VAL B 163 7.58 13.92 22.46
N CYS B 164 7.23 12.69 22.86
CA CYS B 164 6.28 12.51 23.96
C CYS B 164 6.96 11.94 25.18
N SER B 165 6.56 12.40 26.36
CA SER B 165 7.14 11.91 27.60
C SER B 165 6.13 11.61 28.68
N SER B 166 6.36 10.50 29.37
CA SER B 166 5.50 10.11 30.49
C SER B 166 5.76 11.14 31.60
N SER B 167 4.70 11.85 32.01
CA SER B 167 4.80 12.89 33.05
C SER B 167 5.17 12.37 34.44
N ALA C 5 -26.08 4.35 -1.48
CA ALA C 5 -27.53 4.25 -1.12
C ALA C 5 -27.91 5.23 -0.01
N GLN C 6 -28.60 4.72 1.01
CA GLN C 6 -29.04 5.52 2.13
C GLN C 6 -27.92 6.23 2.88
N PRO C 7 -28.21 7.40 3.47
CA PRO C 7 -27.18 8.13 4.22
C PRO C 7 -26.99 7.42 5.57
N PHE C 8 -25.82 7.59 6.17
CA PHE C 8 -25.56 6.99 7.46
C PHE C 8 -24.28 7.54 8.06
N ALA C 9 -24.09 7.34 9.35
CA ALA C 9 -22.89 7.80 10.03
C ALA C 9 -22.71 7.08 11.34
N HIS C 10 -21.47 6.71 11.62
CA HIS C 10 -21.12 6.05 12.88
C HIS C 10 -19.84 6.75 13.29
N LEU C 11 -19.96 7.69 14.23
CA LEU C 11 -18.83 8.47 14.70
C LEU C 11 -18.29 8.06 16.06
N THR C 12 -16.98 7.84 16.13
CA THR C 12 -16.33 7.47 17.38
C THR C 12 -15.60 8.72 17.88
N ILE C 13 -15.56 8.90 19.20
CA ILE C 13 -14.94 10.07 19.82
C ILE C 13 -13.48 10.29 19.39
N ASN C 14 -13.12 11.55 19.20
CA ASN C 14 -11.74 11.83 18.84
C ASN C 14 -10.92 11.82 20.12
N ALA C 15 -10.32 10.66 20.37
CA ALA C 15 -9.52 10.43 21.56
C ALA C 15 -8.60 11.60 21.93
N ALA C 16 -7.98 12.20 20.93
CA ALA C 16 -7.03 13.27 21.17
C ALA C 16 -7.60 14.66 21.42
N SER C 17 -8.92 14.83 21.31
CA SER C 17 -9.51 16.14 21.50
C SER C 17 -10.72 16.21 22.42
N ILE C 18 -10.73 15.41 23.49
CA ILE C 18 -11.84 15.45 24.41
C ILE C 18 -11.59 16.60 25.37
N PRO C 19 -12.57 17.51 25.53
CA PRO C 19 -12.40 18.66 26.43
C PRO C 19 -12.01 18.16 27.82
N SER C 20 -11.41 19.01 28.65
CA SER C 20 -10.99 18.54 29.97
C SER C 20 -11.77 19.00 31.19
N GLY C 21 -12.75 19.89 31.01
CA GLY C 21 -13.50 20.34 32.18
C GLY C 21 -14.42 19.32 32.84
N SER C 22 -15.37 19.81 33.63
CA SER C 22 -16.35 18.97 34.31
C SER C 22 -17.72 19.60 34.12
N HIS C 23 -17.80 20.57 33.22
CA HIS C 23 -19.05 21.23 32.93
C HIS C 23 -19.60 20.62 31.66
N LYS C 24 -20.92 20.69 31.51
CA LYS C 24 -21.54 20.14 30.33
C LYS C 24 -21.01 20.87 29.08
N VAL C 25 -20.73 20.09 28.05
CA VAL C 25 -20.22 20.65 26.80
C VAL C 25 -20.77 19.88 25.61
N THR C 26 -20.65 20.47 24.44
CA THR C 26 -21.09 19.80 23.23
C THR C 26 -19.79 19.17 22.75
N LEU C 27 -19.78 17.86 22.53
CA LEU C 27 -18.54 17.22 22.06
C LEU C 27 -18.33 17.76 20.64
N SER C 28 -17.12 18.25 20.36
CA SER C 28 -16.89 18.85 19.05
C SER C 28 -15.85 18.21 18.15
N SER C 29 -15.47 16.96 18.41
CA SER C 29 -14.51 16.28 17.58
C SER C 29 -14.77 14.81 17.62
N TRP C 30 -15.05 14.24 16.44
CA TRP C 30 -15.29 12.81 16.33
C TRP C 30 -14.56 12.34 15.09
N TYR C 31 -14.21 11.07 15.07
CA TYR C 31 -13.56 10.49 13.89
C TYR C 31 -14.73 10.10 12.97
N HIS C 32 -14.52 10.18 11.66
CA HIS C 32 -15.55 9.80 10.67
C HIS C 32 -14.78 9.02 9.63
N ASP C 33 -13.50 8.90 9.94
CA ASP C 33 -12.46 8.37 9.06
C ASP C 33 -11.69 7.10 9.37
N ARG C 34 -11.79 6.56 10.57
CA ARG C 34 -10.96 5.41 10.89
C ARG C 34 -11.62 4.39 11.79
N GLY C 35 -11.04 3.20 11.83
CA GLY C 35 -11.60 2.14 12.66
C GLY C 35 -13.04 1.92 12.25
N TRP C 36 -13.94 1.91 13.22
CA TRP C 36 -15.35 1.71 12.91
C TRP C 36 -16.03 3.01 12.48
N ALA C 37 -15.31 4.13 12.54
CA ALA C 37 -15.91 5.41 12.15
C ALA C 37 -16.13 5.43 10.63
N LYS C 38 -17.38 5.63 10.25
CA LYS C 38 -17.80 5.63 8.86
C LYS C 38 -18.87 6.73 8.70
N ILE C 39 -18.88 7.42 7.56
CA ILE C 39 -19.91 8.42 7.29
C ILE C 39 -20.23 8.35 5.79
N SER C 40 -21.47 8.61 5.43
CA SER C 40 -21.86 8.53 4.03
C SER C 40 -23.04 9.39 3.71
N ASN C 41 -22.83 10.36 2.85
CA ASN C 41 -23.88 11.26 2.43
C ASN C 41 -24.38 12.16 3.56
N MET C 42 -23.59 12.25 4.63
CA MET C 42 -23.92 13.12 5.76
C MET C 42 -22.63 13.87 5.98
N THR C 43 -22.69 15.08 6.52
CA THR C 43 -21.44 15.80 6.74
C THR C 43 -21.17 16.10 8.21
N LEU C 44 -19.91 16.00 8.58
CA LEU C 44 -19.49 16.25 9.95
C LEU C 44 -18.66 17.52 10.05
N SER C 45 -19.10 18.43 10.91
CA SER C 45 -18.35 19.65 11.10
C SER C 45 -18.28 20.00 12.58
N ASN C 46 -17.17 19.65 13.22
CA ASN C 46 -16.98 19.94 14.63
C ASN C 46 -18.07 19.38 15.52
N GLY C 47 -18.20 18.06 15.51
CA GLY C 47 -19.22 17.47 16.37
C GLY C 47 -20.65 17.63 15.87
N LYS C 48 -20.87 18.49 14.89
CA LYS C 48 -22.23 18.64 14.35
C LYS C 48 -22.38 17.77 13.09
N LEU C 49 -23.28 16.79 13.19
CA LEU C 49 -23.57 15.86 12.11
C LEU C 49 -24.73 16.45 11.33
N ARG C 50 -24.44 16.90 10.10
CA ARG C 50 -25.45 17.54 9.26
C ARG C 50 -26.22 16.56 8.38
N VAL C 51 -27.53 16.67 8.38
CA VAL C 51 -28.37 15.82 7.55
C VAL C 51 -28.36 16.46 6.14
N ASN C 52 -27.97 15.67 5.13
CA ASN C 52 -27.92 16.17 3.76
C ASN C 52 -29.10 15.71 2.93
N GLN C 53 -30.01 14.96 3.54
CA GLN C 53 -31.14 14.42 2.81
C GLN C 53 -32.33 14.05 3.70
N ASP C 54 -33.45 14.74 3.50
CA ASP C 54 -34.66 14.48 4.23
C ASP C 54 -34.93 12.99 4.41
N GLY C 55 -35.61 12.65 5.50
CA GLY C 55 -35.94 11.26 5.78
C GLY C 55 -36.13 11.01 7.27
N PHE C 56 -36.50 9.79 7.61
CA PHE C 56 -36.68 9.36 8.99
C PHE C 56 -35.44 8.55 9.29
N TYR C 57 -34.70 8.94 10.33
CA TYR C 57 -33.48 8.24 10.70
C TYR C 57 -33.55 7.65 12.10
N TYR C 58 -32.80 6.58 12.32
CA TYR C 58 -32.70 6.05 13.66
C TYR C 58 -31.40 6.67 14.15
N LEU C 59 -31.47 7.40 15.27
CA LEU C 59 -30.29 8.03 15.87
C LEU C 59 -29.95 7.23 17.13
N TYR C 60 -28.66 7.09 17.42
CA TYR C 60 -28.21 6.34 18.60
C TYR C 60 -26.87 6.86 19.12
N ALA C 61 -26.63 6.64 20.42
CA ALA C 61 -25.36 7.05 21.05
C ALA C 61 -24.98 6.13 22.21
N ASN C 62 -23.70 5.87 22.34
CA ASN C 62 -23.17 5.07 23.43
C ASN C 62 -22.11 5.97 24.01
N ILE C 63 -22.19 6.20 25.31
CA ILE C 63 -21.23 7.05 26.00
C ILE C 63 -20.73 6.33 27.24
N CYS C 64 -19.41 6.20 27.35
CA CYS C 64 -18.81 5.54 28.50
C CYS C 64 -18.02 6.53 29.34
N PHE C 65 -18.24 6.46 30.64
CA PHE C 65 -17.53 7.31 31.62
C PHE C 65 -16.64 6.40 32.47
N ARG C 66 -15.48 6.91 32.84
CA ARG C 66 -14.53 6.13 33.62
C ARG C 66 -13.61 7.00 34.50
N HIS C 67 -13.21 6.47 35.64
CA HIS C 67 -12.29 7.18 36.52
C HIS C 67 -11.32 6.22 37.18
N HIS C 68 -10.08 6.66 37.33
CA HIS C 68 -9.05 5.85 37.98
C HIS C 68 -8.32 6.69 39.06
N GLU C 69 -8.03 6.03 40.19
CA GLU C 69 -7.32 6.64 41.32
C GLU C 69 -6.16 7.54 40.92
N THR C 70 -5.30 7.02 40.05
CA THR C 70 -4.13 7.76 39.60
C THR C 70 -4.46 9.14 39.10
N SER C 71 -5.73 9.37 38.79
CA SER C 71 -6.17 10.68 38.27
C SER C 71 -6.50 11.66 39.37
N GLY C 72 -6.58 11.17 40.59
CA GLY C 72 -6.92 12.06 41.68
C GLY C 72 -8.12 11.52 42.43
N SER C 73 -8.57 12.27 43.42
CA SER C 73 -9.72 11.88 44.21
C SER C 73 -10.96 12.41 43.53
N VAL C 74 -12.05 11.68 43.70
CA VAL C 74 -13.33 12.11 43.17
C VAL C 74 -13.92 12.84 44.39
N PRO C 75 -13.96 14.19 44.32
CA PRO C 75 -14.50 14.99 45.44
C PRO C 75 -15.87 14.50 45.89
N THR C 76 -16.04 14.35 47.21
CA THR C 76 -17.35 13.92 47.70
C THR C 76 -18.23 15.09 47.23
N ASP C 77 -18.97 14.83 46.16
CA ASP C 77 -19.79 15.86 45.55
C ASP C 77 -20.91 15.28 44.71
N TYR C 78 -21.68 16.19 44.11
CA TYR C 78 -22.79 15.83 43.24
C TYR C 78 -22.27 15.29 41.90
N LEU C 79 -22.57 14.02 41.60
CA LEU C 79 -22.15 13.40 40.36
C LEU C 79 -23.32 12.93 39.50
N GLN C 80 -23.49 13.52 38.33
CA GLN C 80 -24.57 13.09 37.44
C GLN C 80 -23.96 12.96 36.06
N LEU C 81 -23.81 11.71 35.62
CA LEU C 81 -23.24 11.40 34.33
C LEU C 81 -24.37 11.39 33.29
N MET C 82 -24.40 12.43 32.45
CA MET C 82 -25.46 12.56 31.44
C MET C 82 -25.01 12.70 29.98
N VAL C 83 -25.92 12.30 29.09
CA VAL C 83 -25.72 12.45 27.66
C VAL C 83 -27.02 13.05 27.14
N TYR C 84 -26.91 14.00 26.21
CA TYR C 84 -28.06 14.62 25.58
C TYR C 84 -27.82 14.62 24.07
N VAL C 85 -28.69 13.93 23.33
CA VAL C 85 -28.58 13.92 21.86
C VAL C 85 -29.42 15.12 21.44
N VAL C 86 -28.76 16.08 20.81
CA VAL C 86 -29.40 17.34 20.45
C VAL C 86 -29.57 17.66 18.97
N LYS C 87 -30.68 18.33 18.64
CA LYS C 87 -30.94 18.74 17.27
C LYS C 87 -30.90 20.25 17.10
N THR C 88 -30.16 20.71 16.11
CA THR C 88 -30.03 22.13 15.85
C THR C 88 -30.02 22.47 14.36
N SER C 89 -31.13 22.98 13.82
CA SER C 89 -31.17 23.39 12.41
C SER C 89 -29.99 24.33 12.11
N ILE C 90 -29.18 24.02 11.08
CA ILE C 90 -28.01 24.83 10.71
C ILE C 90 -28.30 26.34 10.54
N LYS C 91 -29.46 26.78 11.00
CA LYS C 91 -29.88 28.18 10.91
C LYS C 91 -30.58 28.68 12.18
N ILE C 92 -31.45 27.85 12.75
CA ILE C 92 -32.21 28.25 13.96
C ILE C 92 -31.48 28.03 15.29
N PRO C 93 -31.06 29.14 15.94
CA PRO C 93 -30.35 29.31 17.21
C PRO C 93 -30.34 28.19 18.26
N SER C 94 -31.31 28.21 19.16
CA SER C 94 -31.36 27.22 20.24
C SER C 94 -31.72 25.81 19.78
N SER C 95 -30.87 24.87 20.18
CA SER C 95 -31.06 23.47 19.85
C SER C 95 -32.06 22.88 20.82
N HIS C 96 -32.51 21.67 20.55
CA HIS C 96 -33.48 21.00 21.40
C HIS C 96 -33.09 19.55 21.64
N ASN C 97 -33.48 19.03 22.78
CA ASN C 97 -33.14 17.66 23.11
C ASN C 97 -34.06 16.72 22.39
N LEU C 98 -33.47 15.64 21.88
CA LEU C 98 -34.21 14.59 21.19
C LEU C 98 -34.22 13.41 22.14
N MET C 99 -33.05 13.17 22.75
CA MET C 99 -32.85 12.07 23.69
C MET C 99 -31.98 12.46 24.88
N LYS C 100 -32.29 11.87 26.03
CA LYS C 100 -31.56 12.16 27.26
C LYS C 100 -31.39 10.82 27.99
N GLY C 101 -30.19 10.63 28.54
CA GLY C 101 -29.87 9.45 29.30
C GLY C 101 -28.78 9.73 30.33
N GLY C 102 -28.73 8.91 31.37
CA GLY C 102 -27.72 9.12 32.38
C GLY C 102 -28.05 8.61 33.76
N SER C 103 -27.17 8.94 34.71
CA SER C 103 -27.36 8.50 36.08
C SER C 103 -26.59 9.30 37.10
N THR C 104 -27.19 9.50 38.25
CA THR C 104 -26.48 10.18 39.34
C THR C 104 -25.64 9.04 39.88
N LYS C 105 -24.40 9.33 40.22
CA LYS C 105 -23.47 8.31 40.71
C LYS C 105 -22.70 8.81 41.93
N ASN C 106 -22.22 7.86 42.72
CA ASN C 106 -21.37 8.16 43.87
C ASN C 106 -20.12 7.35 43.58
N TRP C 107 -19.09 8.05 43.15
CA TRP C 107 -17.85 7.39 42.79
C TRP C 107 -16.73 7.58 43.82
N SER C 108 -17.04 8.22 44.94
CA SER C 108 -16.02 8.40 45.96
C SER C 108 -16.15 7.18 46.85
N GLY C 109 -15.34 6.17 46.54
CA GLY C 109 -15.35 4.92 47.26
C GLY C 109 -13.90 4.50 47.43
N ASN C 110 -13.65 3.20 47.55
CA ASN C 110 -12.28 2.72 47.74
C ASN C 110 -11.67 2.14 46.47
N SER C 111 -12.54 1.65 45.59
CA SER C 111 -12.11 1.05 44.34
C SER C 111 -11.15 1.92 43.53
N GLU C 112 -10.24 1.26 42.82
CA GLU C 112 -9.25 1.94 41.98
C GLU C 112 -9.97 2.48 40.75
N PHE C 113 -10.99 1.76 40.34
CA PHE C 113 -11.70 2.08 39.11
C PHE C 113 -13.21 2.24 39.19
N HIS C 114 -13.71 3.20 38.43
CA HIS C 114 -15.16 3.43 38.33
C HIS C 114 -15.55 3.53 36.85
N PHE C 115 -16.57 2.78 36.46
CA PHE C 115 -17.03 2.76 35.08
C PHE C 115 -18.55 2.90 34.94
N TYR C 116 -18.99 3.54 33.86
CA TYR C 116 -20.42 3.70 33.59
C TYR C 116 -20.74 4.06 32.14
N SER C 117 -21.63 3.29 31.52
CA SER C 117 -22.01 3.55 30.12
C SER C 117 -23.49 3.85 30.01
N ILE C 118 -23.86 4.66 29.02
CA ILE C 118 -25.28 5.03 28.73
C ILE C 118 -25.51 4.80 27.24
N ASN C 119 -26.72 4.40 26.87
CA ASN C 119 -27.04 4.20 25.46
C ASN C 119 -28.38 4.89 25.22
N VAL C 120 -28.63 5.39 24.02
CA VAL C 120 -29.93 5.99 23.70
C VAL C 120 -30.15 5.84 22.21
N GLY C 121 -31.40 5.70 21.83
CA GLY C 121 -31.70 5.55 20.41
C GLY C 121 -33.14 5.90 20.16
N GLY C 122 -33.41 6.46 18.99
CA GLY C 122 -34.77 6.83 18.64
C GLY C 122 -34.89 7.03 17.16
N PHE C 123 -36.13 7.02 16.68
CA PHE C 123 -36.48 7.18 15.27
C PHE C 123 -36.97 8.60 15.10
N PHE C 124 -36.24 9.42 14.31
CA PHE C 124 -36.64 10.81 14.12
C PHE C 124 -36.74 11.32 12.68
N LYS C 125 -37.64 12.29 12.47
CA LYS C 125 -37.85 12.94 11.17
C LYS C 125 -36.87 14.08 11.03
N LEU C 126 -35.99 14.02 10.03
CA LEU C 126 -34.97 15.05 9.85
C LEU C 126 -34.98 15.65 8.45
N ARG C 127 -34.63 16.94 8.38
CA ARG C 127 -34.57 17.68 7.11
C ARG C 127 -33.11 18.01 6.81
N ALA C 128 -32.78 18.10 5.53
CA ALA C 128 -31.41 18.46 5.14
C ALA C 128 -31.16 19.83 5.78
N GLY C 129 -29.98 20.01 6.38
CA GLY C 129 -29.68 21.28 7.03
C GLY C 129 -29.75 21.18 8.55
N GLU C 130 -30.51 20.21 9.07
CA GLU C 130 -30.61 20.02 10.51
C GLU C 130 -29.35 19.28 10.98
N GLU C 131 -28.91 19.59 12.19
CA GLU C 131 -27.71 18.98 12.74
C GLU C 131 -27.95 18.22 14.04
N ILE C 132 -27.23 17.13 14.20
CA ILE C 132 -27.34 16.30 15.39
C ILE C 132 -26.02 16.42 16.13
N SER C 133 -26.09 16.62 17.45
CA SER C 133 -24.89 16.75 18.26
C SER C 133 -25.06 16.16 19.65
N ILE C 134 -23.91 15.83 20.23
CA ILE C 134 -23.81 15.20 21.54
C ILE C 134 -23.30 16.11 22.65
N GLN C 135 -24.03 16.11 23.75
CA GLN C 135 -23.64 16.89 24.91
C GLN C 135 -23.45 15.91 26.05
N VAL C 136 -22.37 16.05 26.80
CA VAL C 136 -22.12 15.21 27.97
C VAL C 136 -21.78 16.10 29.16
N SER C 137 -22.12 15.65 30.35
CA SER C 137 -21.89 16.40 31.57
C SER C 137 -20.47 16.47 32.09
N ASN C 138 -19.73 15.37 32.05
CA ASN C 138 -18.37 15.40 32.59
C ASN C 138 -17.36 14.89 31.58
N PRO C 139 -16.96 15.73 30.62
CA PRO C 139 -15.99 15.35 29.58
C PRO C 139 -14.67 14.73 30.06
N SER C 140 -14.09 15.25 31.13
CA SER C 140 -12.84 14.68 31.63
C SER C 140 -13.01 13.22 32.02
N LEU C 141 -14.26 12.79 32.15
CA LEU C 141 -14.55 11.40 32.51
C LEU C 141 -14.84 10.48 31.31
N LEU C 142 -14.79 11.03 30.08
CA LEU C 142 -15.04 10.25 28.87
C LEU C 142 -14.02 9.18 28.50
N ASP C 143 -14.53 7.99 28.25
CA ASP C 143 -13.69 6.87 27.86
C ASP C 143 -13.40 7.10 26.36
N PRO C 144 -12.11 7.26 25.98
CA PRO C 144 -11.71 7.51 24.60
C PRO C 144 -11.74 6.36 23.59
N ASP C 145 -12.17 5.17 24.02
CA ASP C 145 -12.21 4.02 23.11
C ASP C 145 -13.31 4.06 22.05
N GLN C 146 -12.94 3.72 20.81
CA GLN C 146 -13.90 3.74 19.71
C GLN C 146 -15.10 2.82 19.96
N ASP C 147 -14.90 1.76 20.75
CA ASP C 147 -16.00 0.84 21.06
C ASP C 147 -16.82 1.32 22.27
N ALA C 148 -16.38 2.40 22.89
CA ALA C 148 -17.03 2.94 24.07
C ALA C 148 -17.89 4.19 23.89
N THR C 149 -17.33 5.20 23.24
CA THR C 149 -18.02 6.48 23.08
C THR C 149 -18.21 6.80 21.61
N TYR C 150 -19.47 6.88 21.18
CA TYR C 150 -19.75 7.10 19.78
C TYR C 150 -21.21 7.40 19.57
N PHE C 151 -21.55 7.85 18.37
CA PHE C 151 -22.95 8.08 18.03
C PHE C 151 -23.11 7.89 16.54
N GLY C 152 -24.35 7.82 16.07
CA GLY C 152 -24.54 7.58 14.67
C GLY C 152 -25.95 7.75 14.24
N ALA C 153 -26.20 7.48 12.95
CA ALA C 153 -27.52 7.60 12.37
C ALA C 153 -27.54 6.88 11.05
N PHE C 154 -28.67 6.27 10.72
CA PHE C 154 -28.82 5.64 9.43
C PHE C 154 -30.24 5.94 9.00
N LYS C 155 -30.42 6.29 7.73
CA LYS C 155 -31.75 6.60 7.23
C LYS C 155 -32.52 5.31 6.99
N VAL C 156 -33.79 5.32 7.36
CA VAL C 156 -34.62 4.13 7.18
C VAL C 156 -35.76 4.35 6.17
N GLN C 157 -36.24 5.58 6.02
CA GLN C 157 -37.32 5.87 5.07
C GLN C 157 -37.27 7.30 4.59
N ASP C 158 -37.84 7.54 3.40
CA ASP C 158 -37.92 8.89 2.85
C ASP C 158 -39.09 9.54 3.55
N ILE C 159 -39.17 10.87 3.47
CA ILE C 159 -40.28 11.57 4.08
C ILE C 159 -41.53 11.46 3.18
N CYS D 4 -4.48 -22.47 -2.64
CA CYS D 4 -3.28 -21.62 -2.81
C CYS D 4 -2.57 -21.38 -1.48
N THR D 5 -1.31 -20.96 -1.53
CA THR D 5 -0.54 -20.69 -0.32
C THR D 5 -1.04 -19.43 0.39
N GLN D 6 -1.46 -19.58 1.65
CA GLN D 6 -2.01 -18.50 2.46
C GLN D 6 -1.08 -17.35 2.87
N GLU D 7 0.19 -17.68 3.15
CA GLU D 7 1.17 -16.69 3.57
C GLU D 7 1.36 -15.58 2.54
N ARG D 8 0.38 -15.43 1.64
CA ARG D 8 0.46 -14.39 0.61
C ARG D 8 -0.69 -14.50 -0.39
N HIS D 9 -1.45 -15.58 -0.35
CA HIS D 9 -2.57 -15.78 -1.29
C HIS D 9 -3.89 -16.21 -0.66
N TYR D 10 -4.97 -16.03 -1.43
CA TYR D 10 -6.33 -16.43 -1.05
C TYR D 10 -7.01 -16.87 -2.33
N GLU D 11 -8.34 -16.70 -2.46
CA GLU D 11 -9.02 -17.12 -3.69
C GLU D 11 -10.39 -16.49 -3.91
N HIS D 12 -10.54 -15.81 -5.05
CA HIS D 12 -11.79 -15.14 -5.38
C HIS D 12 -12.51 -15.72 -6.60
N LEU D 13 -12.73 -14.91 -7.63
CA LEU D 13 -13.42 -15.35 -8.84
C LEU D 13 -12.74 -16.51 -9.58
N GLY D 14 -12.87 -17.71 -9.03
CA GLY D 14 -12.26 -18.88 -9.63
C GLY D 14 -10.75 -18.90 -9.47
N ARG D 15 -10.12 -17.78 -9.75
CA ARG D 15 -8.66 -17.65 -9.66
C ARG D 15 -8.13 -17.42 -8.26
N CYS D 16 -6.83 -17.65 -8.11
CA CYS D 16 -6.09 -17.49 -6.86
C CYS D 16 -5.42 -16.10 -6.80
N CYS D 17 -5.93 -15.24 -5.93
CA CYS D 17 -5.45 -13.88 -5.77
C CYS D 17 -4.45 -13.65 -4.64
N SER D 18 -3.59 -12.65 -4.80
CA SER D 18 -2.59 -12.38 -3.77
C SER D 18 -3.09 -11.49 -2.63
N ARG D 19 -2.86 -11.99 -1.42
CA ARG D 19 -3.23 -11.36 -0.15
C ARG D 19 -2.37 -10.10 0.08
N CYS D 20 -2.91 -9.12 0.81
CA CYS D 20 -2.17 -7.90 1.09
C CYS D 20 -1.17 -8.09 2.22
N GLU D 21 -0.04 -7.38 2.15
CA GLU D 21 0.99 -7.47 3.17
C GLU D 21 0.77 -6.52 4.32
N PRO D 22 1.32 -6.84 5.50
CA PRO D 22 1.17 -5.98 6.68
C PRO D 22 1.55 -4.57 6.25
N GLY D 23 0.86 -3.57 6.77
CA GLY D 23 1.17 -2.21 6.39
C GLY D 23 0.14 -1.65 5.42
N LYS D 24 -0.63 -2.55 4.83
CA LYS D 24 -1.66 -2.10 3.91
C LYS D 24 -2.86 -3.03 3.82
N TYR D 25 -3.96 -2.48 3.33
CA TYR D 25 -5.23 -3.19 3.20
C TYR D 25 -5.66 -3.36 1.73
N LEU D 26 -6.56 -4.31 1.49
CA LEU D 26 -7.01 -4.50 0.12
C LEU D 26 -8.12 -3.52 -0.20
N SER D 27 -7.80 -2.61 -1.11
CA SER D 27 -8.71 -1.57 -1.55
C SER D 27 -9.77 -2.14 -2.50
N SER D 28 -9.41 -3.18 -3.23
CA SER D 28 -10.32 -3.81 -4.18
C SER D 28 -9.85 -5.22 -4.45
N LYS D 29 -10.78 -6.17 -4.45
CA LYS D 29 -10.43 -7.55 -4.70
C LYS D 29 -9.94 -7.70 -6.14
N CYS D 30 -9.35 -8.85 -6.43
CA CYS D 30 -8.85 -9.11 -7.77
C CYS D 30 -10.01 -9.32 -8.71
N THR D 31 -9.89 -8.77 -9.91
CA THR D 31 -10.90 -8.93 -10.94
C THR D 31 -10.40 -10.08 -11.82
N PRO D 32 -11.08 -10.40 -12.92
CA PRO D 32 -10.51 -11.52 -13.68
C PRO D 32 -9.27 -11.11 -14.48
N THR D 33 -9.11 -9.80 -14.67
CA THR D 33 -8.00 -9.24 -15.43
C THR D 33 -6.81 -8.70 -14.61
N SER D 34 -7.01 -8.53 -13.31
CA SER D 34 -5.93 -8.03 -12.46
C SER D 34 -5.99 -8.62 -11.07
N ASP D 35 -4.92 -8.43 -10.32
CA ASP D 35 -4.83 -8.95 -8.95
C ASP D 35 -5.35 -7.94 -7.94
N SER D 36 -5.18 -8.29 -6.67
CA SER D 36 -5.61 -7.45 -5.56
C SER D 36 -4.89 -6.11 -5.51
N VAL D 37 -5.65 -5.05 -5.28
CA VAL D 37 -5.08 -3.70 -5.16
C VAL D 37 -4.94 -3.38 -3.66
N CYS D 38 -3.70 -3.33 -3.18
CA CYS D 38 -3.43 -3.04 -1.77
C CYS D 38 -2.92 -1.62 -1.53
N LEU D 39 -3.59 -0.90 -0.64
CA LEU D 39 -3.22 0.48 -0.29
C LEU D 39 -2.69 0.55 1.14
N PRO D 40 -1.68 1.39 1.38
CA PRO D 40 -1.08 1.54 2.72
C PRO D 40 -2.03 2.07 3.80
N CYS D 41 -1.82 1.60 5.03
CA CYS D 41 -2.63 2.01 6.18
C CYS D 41 -2.60 3.51 6.43
N GLY D 42 -3.76 4.05 6.81
CA GLY D 42 -3.86 5.48 7.08
C GLY D 42 -3.15 5.90 8.35
N PRO D 43 -3.35 7.15 8.80
CA PRO D 43 -2.71 7.62 10.04
C PRO D 43 -3.25 6.91 11.28
N ASP D 44 -2.34 6.45 12.12
CA ASP D 44 -2.72 5.78 13.35
C ASP D 44 -3.47 4.46 13.16
N GLU D 45 -3.27 3.84 12.00
CA GLU D 45 -3.91 2.55 11.69
C GLU D 45 -2.80 1.55 11.43
N TYR D 46 -3.17 0.28 11.35
CA TYR D 46 -2.17 -0.73 11.09
C TYR D 46 -2.81 -2.07 10.78
N LEU D 47 -2.03 -2.93 10.13
CA LEU D 47 -2.46 -4.28 9.83
C LEU D 47 -1.26 -5.17 10.13
N ASP D 48 -1.51 -6.06 11.08
CA ASP D 48 -0.56 -7.01 11.62
C ASP D 48 -0.06 -8.06 10.64
N THR D 49 -0.93 -8.52 9.76
CA THR D 49 -0.61 -9.60 8.85
C THR D 49 -1.02 -9.46 7.38
N TRP D 50 -0.69 -10.48 6.59
CA TRP D 50 -1.08 -10.54 5.17
C TRP D 50 -2.59 -10.72 5.26
N ASN D 51 -3.35 -9.80 4.67
CA ASN D 51 -4.80 -9.80 4.83
C ASN D 51 -5.73 -9.59 3.63
N GLU D 52 -7.02 -9.61 3.92
CA GLU D 52 -8.08 -9.38 2.94
C GLU D 52 -8.94 -8.26 3.52
N GLU D 53 -8.36 -7.51 4.46
CA GLU D 53 -9.07 -6.45 5.12
C GLU D 53 -9.31 -5.24 4.24
N ASP D 54 -10.53 -4.72 4.26
CA ASP D 54 -10.84 -3.53 3.46
C ASP D 54 -10.65 -2.26 4.27
N LYS D 55 -10.20 -2.44 5.51
CA LYS D 55 -10.00 -1.34 6.45
C LYS D 55 -8.77 -1.73 7.24
N CYS D 56 -7.99 -0.76 7.69
CA CYS D 56 -6.84 -1.07 8.54
C CYS D 56 -7.39 -0.95 9.97
N LEU D 57 -6.70 -1.59 10.92
CA LEU D 57 -7.09 -1.56 12.32
C LEU D 57 -6.66 -0.24 13.00
N LEU D 58 -7.51 0.32 13.85
CA LEU D 58 -7.15 1.57 14.54
C LEU D 58 -6.32 1.23 15.77
N HIS D 59 -5.37 2.07 16.13
CA HIS D 59 -4.52 1.81 17.29
C HIS D 59 -5.24 1.95 18.62
N LYS D 60 -4.77 1.16 19.59
CA LYS D 60 -5.27 1.16 20.96
C LYS D 60 -4.96 2.52 21.55
N VAL D 61 -5.88 3.06 22.34
CA VAL D 61 -5.59 4.33 22.98
C VAL D 61 -5.02 3.91 24.34
N CYS D 62 -3.84 4.41 24.72
CA CYS D 62 -3.32 4.05 26.03
C CYS D 62 -3.77 5.21 26.91
N ASP D 63 -5.05 5.17 27.28
CA ASP D 63 -5.71 6.18 28.09
C ASP D 63 -5.06 6.41 29.47
N ALA D 64 -4.46 7.58 29.67
CA ALA D 64 -3.83 7.90 30.95
C ALA D 64 -4.90 7.78 32.06
N GLY D 65 -6.15 8.08 31.68
CA GLY D 65 -7.29 8.01 32.57
C GLY D 65 -7.63 6.61 33.02
N LYS D 66 -6.92 5.62 32.50
CA LYS D 66 -7.11 4.22 32.89
C LYS D 66 -5.80 3.75 33.52
N ALA D 67 -4.90 4.70 33.79
CA ALA D 67 -3.57 4.40 34.37
C ALA D 67 -2.75 3.61 33.38
N LEU D 68 -3.04 3.83 32.11
CA LEU D 68 -2.38 3.12 31.03
C LEU D 68 -1.32 4.00 30.36
N VAL D 69 -0.19 3.40 29.99
CA VAL D 69 0.86 4.14 29.29
C VAL D 69 1.42 3.31 28.13
N ALA D 70 1.84 4.00 27.08
CA ALA D 70 2.40 3.34 25.91
C ALA D 70 3.82 2.81 26.17
N VAL D 71 4.00 1.53 25.88
CA VAL D 71 5.29 0.85 26.04
C VAL D 71 5.93 0.69 24.65
N ASP D 72 5.06 0.64 23.64
CA ASP D 72 5.42 0.50 22.23
C ASP D 72 4.38 1.35 21.49
N PRO D 73 4.82 2.44 20.84
CA PRO D 73 3.88 3.32 20.12
C PRO D 73 3.11 2.67 18.96
N GLY D 74 3.63 1.56 18.43
CA GLY D 74 2.99 0.90 17.31
C GLY D 74 3.23 1.68 16.01
N ASN D 75 2.93 1.05 14.88
CA ASN D 75 3.09 1.69 13.57
C ASN D 75 2.15 1.00 12.59
N HIS D 76 2.27 1.29 11.30
CA HIS D 76 1.40 0.68 10.29
C HIS D 76 1.55 -0.83 10.20
N THR D 77 2.56 -1.37 10.86
CA THR D 77 2.83 -2.80 10.82
C THR D 77 2.61 -3.52 12.14
N ALA D 78 2.85 -2.82 13.23
CA ALA D 78 2.70 -3.38 14.56
C ALA D 78 1.74 -2.60 15.45
N PRO D 79 0.98 -3.31 16.28
CA PRO D 79 0.01 -2.69 17.18
C PRO D 79 0.70 -1.93 18.34
N ARG D 80 0.03 -0.87 18.81
CA ARG D 80 0.52 -0.08 19.92
C ARG D 80 0.34 -0.92 21.19
N ARG D 81 1.37 -0.95 22.03
CA ARG D 81 1.34 -1.72 23.27
C ARG D 81 1.16 -0.80 24.48
N CYS D 82 0.28 -1.19 25.39
CA CYS D 82 0.04 -0.39 26.59
C CYS D 82 0.31 -1.19 27.83
N ALA D 83 0.64 -0.49 28.90
CA ALA D 83 0.90 -1.14 30.18
C ALA D 83 0.35 -0.24 31.27
N CYS D 84 -0.13 -0.87 32.33
CA CYS D 84 -0.64 -0.14 33.49
C CYS D 84 0.57 0.48 34.16
N THR D 85 0.44 1.73 34.61
CA THR D 85 1.55 2.40 35.31
C THR D 85 1.93 1.73 36.65
N ALA D 86 3.03 2.20 37.26
CA ALA D 86 3.54 1.64 38.51
C ALA D 86 2.51 1.51 39.63
N GLY D 87 2.38 0.32 40.20
CA GLY D 87 1.42 0.12 41.28
C GLY D 87 0.17 -0.61 40.86
N TYR D 88 0.04 -0.79 39.55
CA TYR D 88 -1.10 -1.50 38.99
C TYR D 88 -0.67 -2.50 37.95
N HIS D 89 -1.59 -3.41 37.65
CA HIS D 89 -1.37 -4.45 36.65
C HIS D 89 -2.68 -4.62 35.87
N TRP D 90 -2.56 -4.83 34.56
CA TRP D 90 -3.72 -5.02 33.72
C TRP D 90 -4.51 -6.29 34.07
N ASN D 91 -5.83 -6.14 34.13
CA ASN D 91 -6.71 -7.26 34.45
C ASN D 91 -7.62 -7.55 33.25
N SER D 92 -7.55 -8.77 32.72
CA SER D 92 -8.35 -9.13 31.53
C SER D 92 -9.85 -9.23 31.78
N ASP D 93 -10.26 -9.59 32.99
CA ASP D 93 -11.69 -9.67 33.31
C ASP D 93 -12.35 -8.31 33.26
N CYS D 94 -11.70 -7.31 33.86
CA CYS D 94 -12.26 -5.95 33.91
C CYS D 94 -11.70 -5.06 32.81
N GLU D 95 -10.68 -5.53 32.11
CA GLU D 95 -10.02 -4.73 31.07
C GLU D 95 -9.73 -3.38 31.71
N CYS D 96 -9.06 -3.46 32.86
CA CYS D 96 -8.70 -2.27 33.60
C CYS D 96 -7.42 -2.50 34.42
N CYS D 97 -6.86 -1.40 34.90
CA CYS D 97 -5.64 -1.43 35.70
C CYS D 97 -5.95 -1.61 37.19
N ARG D 98 -5.84 -2.84 37.65
CA ARG D 98 -6.09 -3.18 39.05
C ARG D 98 -4.89 -2.90 39.94
N ARG D 99 -5.17 -2.41 41.14
CA ARG D 99 -4.12 -2.10 42.11
C ARG D 99 -3.43 -3.41 42.47
N ASN D 100 -2.10 -3.40 42.54
CA ASN D 100 -1.37 -4.62 42.89
C ASN D 100 -1.72 -5.08 44.31
N THR D 101 -1.78 -6.39 44.51
CA THR D 101 -2.13 -6.91 45.82
C THR D 101 -0.97 -6.78 46.81
N GLU D 102 -1.33 -6.57 48.06
CA GLU D 102 -0.35 -6.37 49.11
C GLU D 102 0.09 -7.62 49.81
N CYS D 103 1.38 -7.70 50.09
CA CYS D 103 1.92 -8.84 50.82
C CYS D 103 1.73 -8.45 52.27
N ALA D 104 1.26 -9.41 53.06
CA ALA D 104 1.00 -9.19 54.48
C ALA D 104 2.27 -9.42 55.29
N PRO D 105 2.26 -9.01 56.58
CA PRO D 105 3.43 -9.21 57.42
C PRO D 105 3.87 -10.67 57.38
N GLY D 106 5.17 -10.91 57.33
CA GLY D 106 5.64 -12.28 57.27
C GLY D 106 5.94 -12.69 55.84
N PHE D 107 5.56 -11.82 54.90
CA PHE D 107 5.79 -12.08 53.48
C PHE D 107 6.38 -10.83 52.83
N GLY D 108 6.95 -11.01 51.64
CA GLY D 108 7.53 -9.88 50.94
C GLY D 108 7.29 -9.99 49.45
N ALA D 109 7.44 -8.88 48.74
CA ALA D 109 7.25 -8.86 47.29
C ALA D 109 8.46 -9.43 46.58
N GLN D 110 8.24 -10.44 45.75
CA GLN D 110 9.34 -11.04 45.00
C GLN D 110 9.87 -10.00 44.00
N HIS D 111 11.19 -9.91 43.92
CA HIS D 111 11.83 -8.96 43.02
C HIS D 111 12.62 -9.69 41.95
N PRO D 112 12.87 -9.03 40.80
CA PRO D 112 12.43 -7.65 40.52
C PRO D 112 10.92 -7.54 40.29
N LEU D 113 10.38 -6.35 40.50
CA LEU D 113 8.95 -6.10 40.31
C LEU D 113 8.62 -5.97 38.82
N GLN D 114 7.83 -6.92 38.30
CA GLN D 114 7.44 -6.92 36.89
C GLN D 114 6.57 -5.72 36.57
N LEU D 115 6.63 -5.24 35.34
CA LEU D 115 5.80 -4.11 34.92
C LEU D 115 4.49 -4.73 34.44
N ASN D 116 3.38 -4.05 34.73
CA ASN D 116 2.06 -4.50 34.29
C ASN D 116 1.66 -5.89 34.79
N LYS D 117 2.37 -6.40 35.78
CA LYS D 117 2.06 -7.71 36.35
C LYS D 117 1.76 -7.52 37.83
N ASP D 118 0.92 -8.38 38.38
CA ASP D 118 0.57 -8.26 39.79
C ASP D 118 1.71 -8.78 40.65
N THR D 119 1.84 -8.23 41.86
CA THR D 119 2.91 -8.65 42.72
C THR D 119 2.67 -10.03 43.31
N VAL D 120 3.73 -10.83 43.35
CA VAL D 120 3.67 -12.18 43.90
C VAL D 120 4.37 -12.17 45.25
N CYS D 121 3.63 -12.60 46.28
CA CYS D 121 4.16 -12.62 47.63
C CYS D 121 4.77 -13.94 48.02
N THR D 122 5.87 -13.86 48.76
CA THR D 122 6.56 -15.05 49.24
C THR D 122 6.89 -14.81 50.72
N PRO D 123 6.91 -15.88 51.52
CA PRO D 123 7.23 -15.73 52.95
C PRO D 123 8.68 -15.35 53.22
N CYS D 124 8.90 -14.54 54.25
CA CYS D 124 10.24 -14.12 54.61
C CYS D 124 10.99 -15.33 55.13
N LEU D 125 12.26 -15.46 54.76
CA LEU D 125 13.03 -16.59 55.24
C LEU D 125 13.97 -16.17 56.38
N LEU D 126 14.55 -17.16 57.06
CA LEU D 126 15.43 -16.90 58.20
C LEU D 126 16.32 -15.67 58.07
N GLY D 127 16.23 -14.78 59.06
CA GLY D 127 17.03 -13.58 59.07
C GLY D 127 16.32 -12.34 58.57
N PHE D 128 15.09 -12.53 58.07
CA PHE D 128 14.31 -11.41 57.55
C PHE D 128 12.90 -11.34 58.10
N PHE D 129 12.32 -10.16 58.00
CA PHE D 129 10.97 -9.96 58.46
C PHE D 129 10.33 -8.86 57.65
N SER D 130 9.02 -8.70 57.85
CA SER D 130 8.24 -7.65 57.23
C SER D 130 7.09 -7.45 58.22
N ASP D 131 6.92 -6.21 58.65
CA ASP D 131 5.91 -5.87 59.64
C ASP D 131 4.88 -4.91 59.05
N VAL D 132 4.66 -4.98 57.75
CA VAL D 132 3.74 -4.06 57.12
C VAL D 132 3.04 -4.67 55.92
N PHE D 133 1.97 -4.02 55.46
CA PHE D 133 1.26 -4.47 54.28
C PHE D 133 1.78 -3.62 53.14
N SER D 134 2.39 -4.25 52.15
CA SER D 134 2.95 -3.52 51.03
C SER D 134 3.00 -4.38 49.77
N SER D 135 2.61 -3.80 48.65
CA SER D 135 2.65 -4.52 47.39
C SER D 135 4.03 -4.34 46.75
N THR D 136 4.84 -3.44 47.31
CA THR D 136 6.17 -3.17 46.78
C THR D 136 7.36 -3.71 47.58
N ASP D 137 7.29 -3.65 48.90
CA ASP D 137 8.40 -4.06 49.73
C ASP D 137 8.76 -5.53 49.84
N LYS D 138 10.06 -5.81 49.86
CA LYS D 138 10.50 -7.18 50.06
C LYS D 138 10.89 -7.27 51.53
N CYS D 139 11.12 -8.47 52.01
CA CYS D 139 11.47 -8.64 53.42
C CYS D 139 12.75 -7.88 53.78
N LYS D 140 12.75 -7.28 54.96
CA LYS D 140 13.91 -6.54 55.45
C LYS D 140 14.75 -7.47 56.32
N PRO D 141 16.07 -7.31 56.28
CA PRO D 141 16.93 -8.18 57.12
C PRO D 141 16.83 -7.61 58.54
N TRP D 142 17.00 -8.46 59.54
CA TRP D 142 16.92 -7.98 60.92
C TRP D 142 17.95 -6.90 61.20
N THR D 143 17.59 -5.95 62.05
CA THR D 143 18.53 -4.91 62.42
C THR D 143 19.71 -5.58 63.13
N ASN D 144 20.90 -5.04 62.92
CA ASN D 144 22.09 -5.56 63.56
C ASN D 144 22.40 -4.61 64.71
N CYS D 145 22.09 -5.07 65.92
CA CYS D 145 22.26 -4.28 67.13
C CYS D 145 23.61 -3.58 67.34
N THR D 146 24.70 -4.25 67.00
CA THR D 146 26.01 -3.62 67.15
C THR D 146 26.15 -2.29 66.40
N LEU D 147 25.39 -2.09 65.32
CA LEU D 147 25.49 -0.82 64.58
C LEU D 147 24.80 0.32 65.35
N LEU D 148 24.03 -0.07 66.36
CA LEU D 148 23.29 0.85 67.21
C LEU D 148 24.05 1.06 68.53
N GLY D 149 25.16 0.33 68.67
CA GLY D 149 25.97 0.39 69.87
C GLY D 149 25.29 -0.37 70.98
N LYS D 150 24.57 -1.43 70.62
CA LYS D 150 23.81 -2.24 71.58
C LYS D 150 23.94 -3.75 71.38
N LEU D 151 23.26 -4.50 72.25
CA LEU D 151 23.23 -5.96 72.19
C LEU D 151 21.83 -6.39 71.77
N GLU D 152 21.72 -7.64 71.36
CA GLU D 152 20.44 -8.17 70.95
C GLU D 152 19.64 -8.63 72.16
N ALA D 153 18.63 -7.87 72.54
CA ALA D 153 17.80 -8.25 73.67
C ALA D 153 16.87 -9.40 73.26
N HIS D 154 16.18 -9.25 72.13
CA HIS D 154 15.28 -10.29 71.63
C HIS D 154 15.50 -10.63 70.16
N GLN D 155 15.42 -11.91 69.84
CA GLN D 155 15.58 -12.39 68.47
C GLN D 155 14.41 -11.88 67.62
N GLY D 156 14.56 -11.89 66.30
CA GLY D 156 13.49 -11.43 65.44
C GLY D 156 12.67 -12.57 64.85
N THR D 157 11.51 -12.24 64.30
CA THR D 157 10.65 -13.25 63.70
C THR D 157 10.50 -12.87 62.23
N THR D 158 9.56 -13.46 61.52
CA THR D 158 9.36 -13.10 60.12
C THR D 158 8.48 -11.86 60.07
N GLU D 159 7.74 -11.65 61.16
CA GLU D 159 6.81 -10.52 61.26
C GLU D 159 7.31 -9.32 62.04
N SER D 160 8.38 -9.50 62.79
CA SER D 160 8.94 -8.40 63.56
C SER D 160 10.46 -8.45 63.66
N ASP D 161 11.04 -7.27 63.86
CA ASP D 161 12.48 -7.12 63.96
C ASP D 161 13.04 -7.57 65.31
N VAL D 162 14.36 -7.65 65.36
CA VAL D 162 15.12 -8.00 66.54
C VAL D 162 14.94 -6.85 67.54
N VAL D 163 15.11 -7.12 68.84
CA VAL D 163 14.99 -6.05 69.82
C VAL D 163 16.41 -5.78 70.30
N CYS D 164 16.80 -4.51 70.37
CA CYS D 164 18.15 -4.17 70.80
C CYS D 164 18.14 -3.43 72.11
N SER D 165 19.12 -3.75 72.95
CA SER D 165 19.21 -3.13 74.27
C SER D 165 20.62 -2.66 74.62
N SER D 166 20.69 -1.44 75.15
CA SER D 166 21.96 -0.89 75.60
C SER D 166 22.31 -1.68 76.86
N SER D 167 23.49 -2.30 76.89
CA SER D 167 23.93 -3.11 78.03
C SER D 167 24.11 -2.33 79.34
#